data_7AWM
#
_entry.id   7AWM
#
_cell.length_a   122.882
_cell.length_b   122.882
_cell.length_c   90.032
_cell.angle_alpha   90.000
_cell.angle_beta   90.000
_cell.angle_gamma   120.000
#
_symmetry.space_group_name_H-M   'P 63'
#
loop_
_entity.id
_entity.type
_entity.pdbx_description
1 polymer 'Excitatory amino acid transporter 1,Neutral amino acid transporter B(0),Excitatory amino acid transporter 1'
2 non-polymer 'SODIUM ION'
3 non-polymer 'ASPARTIC ACID'
4 non-polymer 2-Amino-5,6,7,8-tetrahydro-4-(4-methoxyphenyl)-7-(naphthalen-1-yl)-5-oxo-4H-chromene-3-carbonitrile
5 non-polymer 'BARIUM ION'
#
_entity_poly.entity_id   1
_entity_poly.type   'polypeptide(L)'
_entity_poly.pdbx_seq_one_letter_code
;MTKSNGEEPKMGGRMERFQQGVSKRTLLAKKKVQNITKEDVKSFLRRNALLLLTVLAVILGVVLGFLLRPYPLSPREVKY
FAFPGELLMRMLKMLILPLIVSSLITGLASLDAKASGRLGMRAVVYYMSTTIIAVVLGIILVLIIHPGAASAAITASVGA
AGSAENAPSKEVLDCFLDLARNIFPSNLVSAAFRSYSTTYEERTITGTRVKVPVGQEVEGMNILGLVVFSMVFGFALGKM
GEQGQLLVDFFNSLNEATMKLVAIIMWYAPLGILFLIAGKIVEMEDLEVLGGQLGMYMVTVIVGLVIHGLIVLPLIYFLI
TRKNPFVFIAGILQALITALGTSSSSATLPITFKCLEENNGVDKRITRFVLPVGATINMDGTALYEAVAAIFIAQVNNYE
LDFGQIITISITATAASIGAAGIPQAGLVTMVIVLTAVGLPTDDITLIIAVDWLLDRFRTMVNVLGDALGAGIVEHLSRK
ELEKQDAELGNSVIEENEMKKPYQLIAQDNETEKPIDSETKM
;
_entity_poly.pdbx_strand_id   A
#
loop_
_chem_comp.id
_chem_comp.type
_chem_comp.name
_chem_comp.formula
6Z6 non-polymer 2-Amino-5,6,7,8-tetrahydro-4-(4-methoxyphenyl)-7-(naphthalen-1-yl)-5-oxo-4H-chromene-3-carbonitrile 'C27 H22 N2 O3'
BA non-polymer 'BARIUM ION' 'Ba 2'
NA non-polymer 'SODIUM ION' 'Na 1'
#
# COMPACT_ATOMS: atom_id res chain seq x y z
N ALA A 29 -19.12 -26.83 11.76
CA ALA A 29 -19.01 -28.29 11.89
C ALA A 29 -19.11 -29.00 10.54
N LYS A 30 -19.71 -28.33 9.53
CA LYS A 30 -19.89 -28.86 8.17
C LYS A 30 -18.63 -28.70 7.31
N LYS A 31 -17.92 -27.56 7.43
CA LYS A 31 -16.68 -27.31 6.69
C LYS A 31 -15.52 -28.09 7.31
N LYS A 32 -15.61 -28.39 8.62
CA LYS A 32 -14.63 -29.16 9.40
C LYS A 32 -14.57 -30.62 8.94
N VAL A 33 -15.75 -31.27 8.81
CA VAL A 33 -15.88 -32.67 8.36
C VAL A 33 -15.54 -32.77 6.85
N GLN A 34 -15.70 -31.66 6.11
CA GLN A 34 -15.39 -31.54 4.69
C GLN A 34 -13.87 -31.43 4.50
N ASN A 35 -13.16 -30.76 5.43
CA ASN A 35 -11.72 -30.54 5.41
C ASN A 35 -10.89 -31.84 5.62
N ILE A 36 -11.49 -32.86 6.25
CA ILE A 36 -10.81 -34.11 6.56
C ILE A 36 -10.62 -35.05 5.33
N THR A 37 -11.18 -34.71 4.15
CA THR A 37 -11.12 -35.56 2.95
C THR A 37 -9.70 -35.79 2.32
N LYS A 38 -8.62 -35.06 2.74
CA LYS A 38 -7.20 -35.18 2.24
C LYS A 38 -7.09 -35.17 0.69
N GLU A 39 -8.00 -34.42 0.07
CA GLU A 39 -8.15 -34.32 -1.37
C GLU A 39 -7.41 -33.15 -1.98
N ASP A 40 -6.71 -33.42 -3.10
CA ASP A 40 -6.00 -32.49 -3.98
C ASP A 40 -4.87 -31.66 -3.36
N VAL A 41 -4.02 -32.22 -2.47
CA VAL A 41 -2.91 -31.36 -2.00
C VAL A 41 -1.72 -31.39 -2.99
N LYS A 42 -1.54 -32.48 -3.76
CA LYS A 42 -0.44 -32.60 -4.74
C LYS A 42 -0.62 -31.64 -5.93
N SER A 43 -1.88 -31.38 -6.32
CA SER A 43 -2.25 -30.44 -7.39
C SER A 43 -2.01 -29.01 -6.90
N PHE A 44 -2.27 -28.76 -5.59
CA PHE A 44 -2.07 -27.47 -4.92
C PHE A 44 -0.58 -27.14 -4.84
N LEU A 45 0.27 -28.10 -4.45
CA LEU A 45 1.73 -27.93 -4.33
C LEU A 45 2.39 -27.63 -5.68
N ARG A 46 1.92 -28.31 -6.75
CA ARG A 46 2.40 -28.15 -8.12
C ARG A 46 2.05 -26.76 -8.67
N ARG A 47 0.76 -26.36 -8.55
CA ARG A 47 0.25 -25.07 -9.00
C ARG A 47 0.80 -23.88 -8.21
N ASN A 48 0.69 -23.91 -6.86
CA ASN A 48 1.11 -22.84 -5.94
C ASN A 48 2.59 -22.91 -5.51
N ALA A 49 3.48 -23.39 -6.41
CA ALA A 49 4.93 -23.52 -6.15
C ALA A 49 5.55 -22.23 -5.63
N LEU A 50 5.41 -21.14 -6.39
CA LEU A 50 5.92 -19.82 -6.06
C LEU A 50 5.24 -19.22 -4.81
N LEU A 51 3.89 -19.30 -4.74
CA LEU A 51 3.11 -18.79 -3.60
C LEU A 51 3.58 -19.41 -2.27
N LEU A 52 3.72 -20.75 -2.23
CA LEU A 52 4.16 -21.48 -1.04
C LEU A 52 5.64 -21.25 -0.73
N LEU A 53 6.48 -20.99 -1.76
CA LEU A 53 7.90 -20.71 -1.60
C LEU A 53 8.15 -19.41 -0.82
N THR A 54 7.38 -18.34 -1.12
CA THR A 54 7.46 -17.04 -0.45
C THR A 54 6.94 -17.15 0.98
N VAL A 55 5.98 -18.07 1.24
CA VAL A 55 5.45 -18.33 2.59
C VAL A 55 6.56 -19.00 3.40
N LEU A 56 7.26 -19.98 2.77
CA LEU A 56 8.39 -20.72 3.31
C LEU A 56 9.58 -19.76 3.55
N ALA A 57 9.71 -18.72 2.69
CA ALA A 57 10.73 -17.68 2.78
C ALA A 57 10.55 -16.86 4.06
N VAL A 58 9.29 -16.62 4.47
CA VAL A 58 8.93 -15.90 5.69
C VAL A 58 9.26 -16.81 6.90
N ILE A 59 8.88 -18.12 6.83
CA ILE A 59 9.13 -19.13 7.86
C ILE A 59 10.65 -19.31 8.09
N LEU A 60 11.42 -19.48 6.99
CA LEU A 60 12.87 -19.64 7.04
C LEU A 60 13.59 -18.34 7.44
N GLY A 61 13.03 -17.20 7.02
CA GLY A 61 13.55 -15.88 7.32
C GLY A 61 13.50 -15.53 8.79
N VAL A 62 12.36 -15.82 9.44
CA VAL A 62 12.12 -15.60 10.88
C VAL A 62 13.06 -16.52 11.70
N VAL A 63 13.19 -17.79 11.28
CA VAL A 63 14.05 -18.80 11.91
C VAL A 63 15.53 -18.39 11.80
N LEU A 64 15.99 -18.03 10.58
CA LEU A 64 17.37 -17.61 10.30
C LEU A 64 17.77 -16.33 11.05
N GLY A 65 16.89 -15.32 11.00
CA GLY A 65 17.10 -14.05 11.67
C GLY A 65 17.27 -14.15 13.17
N PHE A 66 16.43 -14.98 13.83
CA PHE A 66 16.50 -15.23 15.28
C PHE A 66 17.70 -16.11 15.64
N LEU A 67 18.11 -16.99 14.70
CA LEU A 67 19.27 -17.88 14.84
C LEU A 67 20.55 -17.04 14.78
N LEU A 68 20.60 -16.08 13.85
CA LEU A 68 21.74 -15.18 13.66
C LEU A 68 21.66 -13.90 14.49
N ARG A 69 20.56 -13.69 15.26
CA ARG A 69 20.33 -12.48 16.06
C ARG A 69 21.52 -12.09 16.97
N PRO A 70 22.19 -12.99 17.79
CA PRO A 70 23.38 -12.52 18.56
C PRO A 70 24.38 -11.91 17.57
N TYR A 71 24.48 -10.57 17.59
CA TYR A 71 25.18 -9.72 16.62
C TYR A 71 26.61 -9.23 17.00
N PRO A 72 27.69 -10.05 16.89
CA PRO A 72 29.04 -9.48 17.04
C PRO A 72 29.43 -8.84 15.68
N LEU A 73 28.39 -8.59 14.85
CA LEU A 73 28.44 -8.01 13.52
C LEU A 73 27.84 -6.58 13.49
N SER A 74 28.64 -5.63 12.97
CA SER A 74 28.36 -4.19 12.85
C SER A 74 27.20 -3.89 11.89
N PRO A 75 26.58 -2.67 11.89
CA PRO A 75 25.50 -2.39 10.92
C PRO A 75 25.93 -2.55 9.46
N ARG A 76 27.24 -2.37 9.20
CA ARG A 76 27.90 -2.56 7.89
C ARG A 76 27.74 -4.03 7.49
N GLU A 77 27.96 -4.96 8.45
CA GLU A 77 27.83 -6.41 8.27
C GLU A 77 26.36 -6.83 8.13
N VAL A 78 25.44 -6.05 8.77
CA VAL A 78 24.00 -6.24 8.72
C VAL A 78 23.52 -5.94 7.28
N LYS A 79 24.08 -4.86 6.69
CA LYS A 79 23.81 -4.44 5.31
C LYS A 79 24.31 -5.52 4.33
N TYR A 80 25.46 -6.14 4.64
CA TYR A 80 26.07 -7.22 3.86
C TYR A 80 25.17 -8.45 3.89
N PHE A 81 24.64 -8.78 5.09
CA PHE A 81 23.75 -9.90 5.29
C PHE A 81 22.45 -9.75 4.50
N ALA A 82 21.77 -8.60 4.67
CA ALA A 82 20.49 -8.27 4.03
C ALA A 82 20.56 -7.96 2.53
N PHE A 83 21.78 -7.99 1.94
CA PHE A 83 22.01 -7.70 0.51
C PHE A 83 21.10 -8.49 -0.47
N PRO A 84 20.81 -9.82 -0.34
CA PRO A 84 19.90 -10.45 -1.31
C PRO A 84 18.51 -9.83 -1.29
N GLY A 85 18.09 -9.35 -0.13
CA GLY A 85 16.82 -8.65 0.05
C GLY A 85 16.88 -7.23 -0.50
N GLU A 86 18.10 -6.67 -0.60
CA GLU A 86 18.32 -5.33 -1.12
C GLU A 86 18.21 -5.34 -2.65
N LEU A 87 18.68 -6.43 -3.30
CA LEU A 87 18.60 -6.55 -4.75
C LEU A 87 17.14 -6.64 -5.22
N LEU A 88 16.26 -7.26 -4.39
CA LEU A 88 14.83 -7.36 -4.68
C LEU A 88 14.20 -5.98 -4.64
N MET A 89 14.63 -5.14 -3.69
CA MET A 89 14.16 -3.77 -3.56
C MET A 89 14.54 -2.94 -4.79
N ARG A 90 15.82 -3.01 -5.26
CA ARG A 90 16.29 -2.29 -6.46
C ARG A 90 15.50 -2.76 -7.70
N MET A 91 15.26 -4.07 -7.82
CA MET A 91 14.51 -4.67 -8.93
C MET A 91 13.08 -4.17 -9.01
N LEU A 92 12.36 -4.15 -7.86
CA LEU A 92 10.97 -3.68 -7.76
C LEU A 92 10.85 -2.18 -7.99
N LYS A 93 11.75 -1.38 -7.35
CA LYS A 93 11.82 0.08 -7.49
C LYS A 93 12.05 0.45 -8.98
N MET A 94 12.92 -0.33 -9.68
CA MET A 94 13.26 -0.13 -11.09
C MET A 94 12.02 0.06 -11.97
N LEU A 95 11.06 -0.88 -11.86
CA LEU A 95 9.81 -0.94 -12.61
C LEU A 95 8.73 0.05 -12.18
N ILE A 96 8.78 0.60 -10.94
CA ILE A 96 7.75 1.53 -10.46
C ILE A 96 7.48 2.66 -11.47
N LEU A 97 8.53 3.39 -11.88
CA LEU A 97 8.42 4.51 -12.82
C LEU A 97 7.75 4.14 -14.17
N PRO A 98 8.21 3.14 -14.99
CA PRO A 98 7.51 2.87 -16.25
C PRO A 98 6.12 2.30 -16.01
N LEU A 99 5.89 1.69 -14.85
CA LEU A 99 4.60 1.12 -14.48
C LEU A 99 3.52 2.18 -14.22
N ILE A 100 3.81 3.21 -13.38
CA ILE A 100 2.84 4.27 -13.06
C ILE A 100 2.50 5.14 -14.28
N VAL A 101 3.54 5.66 -14.96
CA VAL A 101 3.48 6.53 -16.13
C VAL A 101 2.71 5.87 -17.28
N SER A 102 2.98 4.59 -17.59
CA SER A 102 2.29 3.91 -18.68
C SER A 102 0.86 3.53 -18.32
N SER A 103 0.62 3.16 -17.04
CA SER A 103 -0.71 2.76 -16.56
C SER A 103 -1.73 3.89 -16.60
N LEU A 104 -1.39 5.05 -16.03
CA LEU A 104 -2.30 6.20 -16.00
C LEU A 104 -2.50 6.87 -17.37
N ILE A 105 -1.44 6.96 -18.21
CA ILE A 105 -1.55 7.57 -19.55
C ILE A 105 -2.48 6.73 -20.42
N THR A 106 -2.28 5.39 -20.48
CA THR A 106 -3.15 4.51 -21.29
C THR A 106 -4.54 4.41 -20.69
N GLY A 107 -4.61 4.02 -19.40
CA GLY A 107 -5.83 3.85 -18.62
C GLY A 107 -6.86 4.97 -18.73
N LEU A 108 -6.40 6.24 -18.58
CA LEU A 108 -7.26 7.42 -18.69
C LEU A 108 -7.57 7.84 -20.12
N ALA A 109 -6.70 7.43 -21.09
CA ALA A 109 -6.91 7.67 -22.52
C ALA A 109 -7.92 6.65 -23.06
N SER A 110 -7.98 5.44 -22.45
CA SER A 110 -8.87 4.31 -22.79
C SER A 110 -10.35 4.67 -22.55
N LEU A 111 -10.62 5.50 -21.52
CA LEU A 111 -11.94 5.90 -21.06
C LEU A 111 -12.35 7.26 -21.56
N ASP A 112 -13.68 7.47 -21.67
CA ASP A 112 -14.31 8.74 -22.03
C ASP A 112 -14.19 9.63 -20.81
N ALA A 113 -13.89 10.92 -21.01
CA ALA A 113 -13.69 11.90 -19.93
C ALA A 113 -14.78 11.87 -18.84
N LYS A 114 -16.04 11.69 -19.24
CA LYS A 114 -17.12 11.63 -18.28
C LYS A 114 -17.12 10.31 -17.52
N ALA A 115 -16.73 9.20 -18.18
CA ALA A 115 -16.66 7.87 -17.55
C ALA A 115 -15.51 7.85 -16.55
N SER A 116 -14.43 8.60 -16.85
CA SER A 116 -13.24 8.72 -16.00
C SER A 116 -13.57 9.47 -14.70
N GLY A 117 -14.52 10.41 -14.79
CA GLY A 117 -15.02 11.15 -13.63
C GLY A 117 -15.88 10.27 -12.76
N ARG A 118 -16.69 9.38 -13.41
CA ARG A 118 -17.57 8.41 -12.74
C ARG A 118 -16.72 7.39 -11.99
N LEU A 119 -15.74 6.77 -12.68
CA LEU A 119 -14.77 5.82 -12.14
C LEU A 119 -13.98 6.47 -10.98
N GLY A 120 -13.59 7.73 -11.19
CA GLY A 120 -12.87 8.54 -10.22
C GLY A 120 -13.64 8.78 -8.94
N MET A 121 -14.94 9.14 -9.07
CA MET A 121 -15.86 9.39 -7.94
C MET A 121 -16.07 8.12 -7.13
N ARG A 122 -16.10 6.95 -7.79
CA ARG A 122 -16.24 5.64 -7.15
C ARG A 122 -15.00 5.35 -6.31
N ALA A 123 -13.81 5.63 -6.87
CA ALA A 123 -12.52 5.46 -6.22
C ALA A 123 -12.42 6.37 -4.98
N VAL A 124 -12.52 7.71 -5.17
CA VAL A 124 -12.46 8.75 -4.13
C VAL A 124 -13.44 8.47 -2.98
N VAL A 125 -14.71 8.10 -3.30
CA VAL A 125 -15.74 7.78 -2.30
C VAL A 125 -15.34 6.54 -1.50
N TYR A 126 -14.84 5.49 -2.18
CA TYR A 126 -14.37 4.26 -1.55
C TYR A 126 -13.18 4.55 -0.62
N TYR A 127 -12.18 5.32 -1.13
CA TYR A 127 -10.96 5.68 -0.43
C TYR A 127 -11.24 6.42 0.88
N MET A 128 -11.98 7.55 0.82
CA MET A 128 -12.31 8.38 1.98
C MET A 128 -13.15 7.66 3.02
N SER A 129 -14.11 6.83 2.58
CA SER A 129 -14.97 6.08 3.50
C SER A 129 -14.16 5.04 4.28
N THR A 130 -13.41 4.15 3.58
CA THR A 130 -12.57 3.12 4.19
C THR A 130 -11.52 3.70 5.14
N THR A 131 -10.94 4.87 4.79
CA THR A 131 -9.95 5.57 5.63
C THR A 131 -10.64 6.17 6.87
N ILE A 132 -11.87 6.72 6.69
CA ILE A 132 -12.68 7.28 7.78
C ILE A 132 -13.13 6.16 8.74
N ILE A 133 -13.43 4.96 8.18
CA ILE A 133 -13.87 3.81 8.96
C ILE A 133 -12.70 3.20 9.76
N ALA A 134 -11.48 3.17 9.17
CA ALA A 134 -10.27 2.67 9.83
C ALA A 134 -9.82 3.56 11.02
N VAL A 135 -9.85 4.91 10.84
CA VAL A 135 -9.46 5.89 11.86
C VAL A 135 -10.47 5.89 13.04
N VAL A 136 -11.77 5.63 12.76
CA VAL A 136 -12.83 5.56 13.79
C VAL A 136 -12.65 4.27 14.61
N LEU A 137 -12.37 3.14 13.92
CA LEU A 137 -12.10 1.83 14.53
C LEU A 137 -10.82 1.91 15.36
N GLY A 138 -9.81 2.61 14.84
CA GLY A 138 -8.53 2.83 15.50
C GLY A 138 -8.64 3.61 16.79
N ILE A 139 -9.49 4.67 16.79
CA ILE A 139 -9.76 5.53 17.95
C ILE A 139 -10.54 4.76 19.04
N ILE A 140 -11.54 3.96 18.63
CA ILE A 140 -12.35 3.14 19.53
C ILE A 140 -11.50 2.08 20.26
N LEU A 141 -10.61 1.38 19.52
CA LEU A 141 -9.71 0.36 20.07
C LEU A 141 -8.71 0.88 21.12
N VAL A 142 -8.26 2.15 20.98
CA VAL A 142 -7.34 2.75 21.94
C VAL A 142 -8.10 3.37 23.14
N LEU A 143 -9.29 3.97 22.89
CA LEU A 143 -10.09 4.55 23.98
C LEU A 143 -10.70 3.48 24.92
N ILE A 144 -10.55 2.19 24.54
CA ILE A 144 -11.00 1.03 25.30
C ILE A 144 -9.78 0.33 25.97
N ILE A 145 -8.70 0.07 25.20
CA ILE A 145 -7.46 -0.56 25.68
C ILE A 145 -6.49 0.58 25.98
N HIS A 146 -5.98 0.70 27.19
CA HIS A 146 -5.05 1.79 27.43
C HIS A 146 -3.61 1.21 27.41
N PRO A 147 -2.88 1.19 26.27
CA PRO A 147 -1.52 0.62 26.30
C PRO A 147 -0.52 1.47 27.08
N GLU A 171 8.72 23.01 9.22
CA GLU A 171 7.50 23.27 9.99
C GLU A 171 6.33 22.48 9.39
N VAL A 172 5.19 22.40 10.10
CA VAL A 172 4.02 21.63 9.64
C VAL A 172 3.32 22.31 8.43
N LEU A 173 3.33 23.66 8.33
CA LEU A 173 2.76 24.35 7.17
C LEU A 173 3.61 24.02 5.93
N ASP A 174 4.95 23.99 6.10
CA ASP A 174 5.92 23.63 5.09
C ASP A 174 5.65 22.26 4.50
N CYS A 175 5.06 21.34 5.28
CA CYS A 175 4.67 20.00 4.83
C CYS A 175 3.55 20.09 3.80
N PHE A 176 2.54 20.95 4.03
CA PHE A 176 1.41 21.15 3.11
C PHE A 176 1.86 21.76 1.80
N LEU A 177 2.75 22.77 1.86
CA LEU A 177 3.31 23.46 0.69
C LEU A 177 4.20 22.54 -0.14
N ASP A 178 5.02 21.68 0.53
CA ASP A 178 5.89 20.70 -0.13
C ASP A 178 5.06 19.68 -0.90
N LEU A 179 3.91 19.27 -0.33
CA LEU A 179 2.96 18.35 -0.95
C LEU A 179 2.39 19.00 -2.23
N ALA A 180 1.88 20.26 -2.13
CA ALA A 180 1.32 21.03 -3.24
C ALA A 180 2.37 21.22 -4.32
N ARG A 181 3.62 21.52 -3.91
CA ARG A 181 4.77 21.67 -4.81
C ARG A 181 5.03 20.39 -5.57
N ASN A 182 4.90 19.22 -4.91
CA ASN A 182 5.12 17.92 -5.54
C ASN A 182 3.97 17.50 -6.47
N ILE A 183 2.72 17.95 -6.21
CA ILE A 183 1.55 17.67 -7.07
C ILE A 183 1.81 18.31 -8.45
N PHE A 184 2.55 19.44 -8.46
CA PHE A 184 2.91 20.20 -9.66
C PHE A 184 4.44 20.25 -9.86
N PRO A 185 5.10 19.16 -10.33
CA PRO A 185 6.57 19.20 -10.49
C PRO A 185 7.05 20.21 -11.53
N SER A 186 8.14 20.94 -11.22
CA SER A 186 8.70 21.94 -12.13
C SER A 186 9.51 21.30 -13.27
N ASN A 187 9.92 20.02 -13.12
CA ASN A 187 10.71 19.26 -14.10
C ASN A 187 10.35 17.80 -14.02
N LEU A 188 9.86 17.23 -15.15
CA LEU A 188 9.40 15.85 -15.27
C LEU A 188 10.51 14.82 -15.20
N VAL A 189 11.70 15.14 -15.75
CA VAL A 189 12.88 14.27 -15.73
C VAL A 189 13.37 14.17 -14.28
N SER A 190 13.45 15.31 -13.56
CA SER A 190 13.86 15.28 -12.15
C SER A 190 12.80 14.61 -11.27
N ALA A 191 11.49 14.80 -11.58
CA ALA A 191 10.36 14.21 -10.84
C ALA A 191 10.43 12.69 -10.80
N ALA A 192 11.11 12.10 -11.80
CA ALA A 192 11.28 10.67 -11.92
C ALA A 192 12.24 10.05 -10.88
N PHE A 193 13.05 10.87 -10.17
CA PHE A 193 14.00 10.37 -9.18
C PHE A 193 14.20 11.29 -7.96
N ARG A 194 13.46 12.41 -7.86
CA ARG A 194 13.57 13.39 -6.78
C ARG A 194 12.21 13.96 -6.37
N SER A 195 12.07 14.32 -5.09
CA SER A 195 10.88 14.96 -4.51
C SER A 195 11.30 16.27 -3.84
N TYR A 196 10.38 17.23 -3.67
CA TYR A 196 10.71 18.51 -3.04
C TYR A 196 10.63 18.42 -1.52
N SER A 197 11.61 19.04 -0.84
CA SER A 197 11.62 19.11 0.63
C SER A 197 12.29 20.39 1.13
N THR A 198 11.48 21.33 1.65
CA THR A 198 11.95 22.61 2.14
C THR A 198 12.49 22.50 3.58
N GLN A 216 17.07 21.80 -1.67
CA GLN A 216 15.62 21.93 -1.57
C GLN A 216 14.84 20.76 -2.20
N GLU A 217 15.52 19.95 -3.06
CA GLU A 217 14.93 18.77 -3.71
C GLU A 217 15.66 17.50 -3.29
N VAL A 218 15.09 16.78 -2.29
CA VAL A 218 15.61 15.54 -1.73
C VAL A 218 15.55 14.39 -2.74
N GLU A 219 16.38 13.33 -2.57
CA GLU A 219 16.38 12.19 -3.48
C GLU A 219 15.18 11.29 -3.23
N GLY A 220 14.82 10.51 -4.24
CA GLY A 220 13.66 9.62 -4.18
C GLY A 220 12.52 10.11 -5.04
N MET A 221 12.09 9.27 -5.98
CA MET A 221 11.02 9.51 -6.97
C MET A 221 9.78 10.21 -6.42
N ASN A 222 9.28 11.22 -7.15
CA ASN A 222 8.06 11.97 -6.84
C ASN A 222 6.89 11.23 -7.50
N ILE A 223 6.40 10.15 -6.84
CA ILE A 223 5.31 9.30 -7.36
C ILE A 223 4.02 10.13 -7.59
N LEU A 224 3.63 10.96 -6.62
CA LEU A 224 2.44 11.83 -6.68
C LEU A 224 2.44 12.78 -7.88
N GLY A 225 3.58 13.46 -8.12
CA GLY A 225 3.75 14.37 -9.25
C GLY A 225 3.55 13.69 -10.59
N LEU A 226 4.11 12.47 -10.73
CA LEU A 226 4.01 11.64 -11.92
C LEU A 226 2.60 11.07 -12.06
N VAL A 227 1.95 10.69 -10.94
CA VAL A 227 0.57 10.19 -10.89
C VAL A 227 -0.34 11.28 -11.49
N VAL A 228 -0.27 12.52 -10.94
CA VAL A 228 -1.03 13.68 -11.40
C VAL A 228 -0.77 14.02 -12.89
N PHE A 229 0.51 14.22 -13.29
CA PHE A 229 0.87 14.53 -14.68
C PHE A 229 0.43 13.44 -15.67
N SER A 230 0.68 12.16 -15.36
CA SER A 230 0.25 11.06 -16.22
C SER A 230 -1.27 11.10 -16.45
N MET A 231 -2.07 11.40 -15.39
CA MET A 231 -3.53 11.50 -15.47
C MET A 231 -3.97 12.61 -16.45
N VAL A 232 -3.44 13.85 -16.29
CA VAL A 232 -3.72 15.02 -17.15
C VAL A 232 -3.27 14.74 -18.59
N PHE A 233 -2.14 14.03 -18.76
CA PHE A 233 -1.60 13.65 -20.06
C PHE A 233 -2.51 12.59 -20.73
N GLY A 234 -3.00 11.65 -19.93
CA GLY A 234 -3.92 10.59 -20.34
C GLY A 234 -5.23 11.14 -20.86
N PHE A 235 -5.78 12.15 -20.16
CA PHE A 235 -7.00 12.86 -20.52
C PHE A 235 -6.78 13.62 -21.85
N ALA A 236 -5.61 14.29 -21.99
CA ALA A 236 -5.22 15.03 -23.20
C ALA A 236 -5.21 14.14 -24.43
N LEU A 237 -4.54 12.96 -24.35
CA LEU A 237 -4.45 11.98 -25.45
C LEU A 237 -5.80 11.39 -25.85
N GLY A 238 -6.67 11.21 -24.87
CA GLY A 238 -8.03 10.72 -25.03
C GLY A 238 -8.85 11.72 -25.84
N LYS A 239 -8.57 13.02 -25.66
CA LYS A 239 -9.21 14.13 -26.37
C LYS A 239 -8.57 14.40 -27.75
N MET A 240 -7.49 13.67 -28.10
CA MET A 240 -6.77 13.87 -29.36
C MET A 240 -7.22 12.92 -30.49
N GLY A 241 -7.99 11.89 -30.14
CA GLY A 241 -8.45 10.89 -31.10
C GLY A 241 -7.32 10.06 -31.68
N GLU A 242 -7.28 9.99 -33.03
CA GLU A 242 -6.32 9.23 -33.83
C GLU A 242 -4.87 9.70 -33.62
N GLN A 243 -4.63 11.03 -33.70
CA GLN A 243 -3.30 11.63 -33.47
C GLN A 243 -2.77 11.14 -32.11
N GLY A 244 -3.66 11.08 -31.13
CA GLY A 244 -3.36 10.62 -29.78
C GLY A 244 -3.08 9.14 -29.70
N GLN A 245 -3.82 8.30 -30.47
CA GLN A 245 -3.72 6.84 -30.46
C GLN A 245 -2.29 6.30 -30.51
N LEU A 246 -1.41 6.84 -31.38
CA LEU A 246 -0.01 6.41 -31.51
C LEU A 246 0.69 6.37 -30.15
N LEU A 247 0.58 7.48 -29.39
CA LEU A 247 1.18 7.62 -28.07
C LEU A 247 0.52 6.71 -27.05
N VAL A 248 -0.80 6.46 -27.17
CA VAL A 248 -1.55 5.56 -26.28
C VAL A 248 -1.06 4.13 -26.54
N ASP A 249 -0.84 3.77 -27.82
CA ASP A 249 -0.32 2.48 -28.23
C ASP A 249 1.14 2.30 -27.79
N PHE A 250 1.94 3.40 -27.85
CA PHE A 250 3.33 3.44 -27.39
C PHE A 250 3.40 3.10 -25.91
N PHE A 251 2.54 3.74 -25.09
CA PHE A 251 2.50 3.53 -23.66
C PHE A 251 1.85 2.20 -23.27
N ASN A 252 1.07 1.59 -24.18
CA ASN A 252 0.44 0.30 -23.90
C ASN A 252 1.46 -0.82 -24.04
N SER A 253 2.35 -0.71 -25.04
CA SER A 253 3.42 -1.67 -25.30
C SER A 253 4.43 -1.58 -24.17
N LEU A 254 4.71 -0.35 -23.68
CA LEU A 254 5.64 -0.12 -22.58
C LEU A 254 5.09 -0.66 -21.24
N ASN A 255 3.75 -0.73 -21.08
CA ASN A 255 3.14 -1.24 -19.85
C ASN A 255 3.25 -2.75 -19.80
N GLU A 256 2.82 -3.44 -20.88
CA GLU A 256 2.86 -4.89 -21.00
C GLU A 256 4.30 -5.43 -20.96
N ALA A 257 5.28 -4.70 -21.55
CA ALA A 257 6.70 -5.05 -21.56
C ALA A 257 7.30 -4.98 -20.17
N THR A 258 6.90 -3.96 -19.35
CA THR A 258 7.39 -3.86 -17.97
C THR A 258 6.63 -4.86 -17.10
N MET A 259 5.39 -5.20 -17.49
CA MET A 259 4.61 -6.22 -16.79
C MET A 259 5.23 -7.60 -17.06
N LYS A 260 5.86 -7.77 -18.23
CA LYS A 260 6.57 -8.99 -18.60
C LYS A 260 7.85 -9.17 -17.79
N LEU A 261 8.45 -8.06 -17.30
CA LEU A 261 9.67 -8.09 -16.49
C LEU A 261 9.38 -8.48 -15.04
N VAL A 262 8.22 -8.04 -14.48
CA VAL A 262 7.79 -8.36 -13.11
C VAL A 262 7.59 -9.89 -12.93
N ALA A 263 7.39 -10.63 -14.05
CA ALA A 263 7.25 -12.08 -14.07
C ALA A 263 8.59 -12.72 -13.69
N ILE A 264 9.71 -12.12 -14.15
CA ILE A 264 11.07 -12.53 -13.88
C ILE A 264 11.44 -12.20 -12.41
N ILE A 265 11.19 -10.94 -11.96
CA ILE A 265 11.44 -10.41 -10.61
C ILE A 265 10.78 -11.29 -9.53
N MET A 266 9.61 -11.89 -9.88
CA MET A 266 8.81 -12.77 -9.03
C MET A 266 9.52 -14.06 -8.62
N TRP A 267 10.42 -14.57 -9.47
CA TRP A 267 11.17 -15.78 -9.15
C TRP A 267 12.29 -15.52 -8.15
N TYR A 268 12.75 -14.27 -8.08
CA TYR A 268 13.79 -13.88 -7.14
C TYR A 268 13.18 -13.58 -5.78
N ALA A 269 11.92 -13.12 -5.74
CA ALA A 269 11.16 -12.75 -4.54
C ALA A 269 11.32 -13.72 -3.34
N PRO A 270 11.16 -15.07 -3.42
CA PRO A 270 11.39 -15.90 -2.21
C PRO A 270 12.78 -15.75 -1.58
N LEU A 271 13.85 -15.63 -2.41
CA LEU A 271 15.22 -15.45 -1.94
C LEU A 271 15.38 -14.08 -1.27
N GLY A 272 14.76 -13.06 -1.87
CA GLY A 272 14.79 -11.68 -1.37
C GLY A 272 14.02 -11.48 -0.07
N ILE A 273 12.75 -11.97 0.00
CA ILE A 273 11.87 -11.88 1.18
C ILE A 273 12.53 -12.52 2.40
N LEU A 274 13.18 -13.69 2.21
CA LEU A 274 13.90 -14.42 3.25
C LEU A 274 14.94 -13.50 3.91
N PHE A 275 15.85 -12.91 3.11
CA PHE A 275 16.92 -12.02 3.58
C PHE A 275 16.45 -10.63 4.01
N LEU A 276 15.36 -10.13 3.40
CA LEU A 276 14.80 -8.80 3.70
C LEU A 276 14.17 -8.79 5.10
N ILE A 277 13.51 -9.90 5.50
CA ILE A 277 12.87 -9.98 6.81
C ILE A 277 13.86 -10.47 7.88
N ALA A 278 14.81 -11.37 7.51
CA ALA A 278 15.82 -11.91 8.43
C ALA A 278 16.76 -10.81 8.95
N GLY A 279 17.11 -9.87 8.07
CA GLY A 279 17.96 -8.73 8.40
C GLY A 279 17.32 -7.76 9.36
N LYS A 280 16.01 -7.48 9.16
CA LYS A 280 15.26 -6.57 10.03
C LYS A 280 14.99 -7.12 11.42
N ILE A 281 15.02 -8.46 11.60
CA ILE A 281 14.83 -9.05 12.92
C ILE A 281 16.20 -9.20 13.63
N VAL A 282 17.27 -8.69 12.98
CA VAL A 282 18.65 -8.62 13.49
C VAL A 282 18.96 -7.13 13.70
N GLY A 291 8.79 1.88 27.93
CA GLY A 291 9.11 0.52 28.34
C GLY A 291 8.07 -0.49 27.90
N GLY A 292 7.47 -1.18 28.87
CA GLY A 292 6.44 -2.20 28.66
C GLY A 292 5.16 -1.67 28.05
N GLN A 293 4.93 -0.34 28.17
CA GLN A 293 3.78 0.38 27.63
C GLN A 293 3.81 0.33 26.11
N LEU A 294 5.01 0.54 25.50
CA LEU A 294 5.24 0.44 24.05
C LEU A 294 4.99 -0.99 23.56
N GLY A 295 4.98 -1.92 24.52
CA GLY A 295 4.67 -3.33 24.32
C GLY A 295 3.21 -3.55 24.03
N MET A 296 2.31 -3.03 24.88
CA MET A 296 0.86 -3.18 24.71
C MET A 296 0.34 -2.47 23.47
N TYR A 297 1.00 -1.35 23.10
CA TYR A 297 0.70 -0.51 21.93
C TYR A 297 0.81 -1.27 20.61
N MET A 298 1.90 -2.03 20.45
CA MET A 298 2.19 -2.88 19.28
C MET A 298 1.06 -3.91 19.10
N VAL A 299 0.55 -4.48 20.22
CA VAL A 299 -0.54 -5.47 20.25
C VAL A 299 -1.86 -4.80 19.89
N THR A 300 -2.03 -3.50 20.19
CA THR A 300 -3.25 -2.73 19.89
C THR A 300 -3.46 -2.58 18.37
N VAL A 301 -2.46 -2.02 17.66
CA VAL A 301 -2.51 -1.84 16.20
C VAL A 301 -2.64 -3.16 15.47
N ILE A 302 -1.83 -4.18 15.85
CA ILE A 302 -1.85 -5.52 15.22
C ILE A 302 -3.28 -6.10 15.27
N VAL A 303 -3.97 -5.97 16.41
CA VAL A 303 -5.36 -6.41 16.60
C VAL A 303 -6.29 -5.52 15.73
N GLY A 304 -6.08 -4.21 15.77
CA GLY A 304 -6.83 -3.22 14.99
C GLY A 304 -6.77 -3.42 13.49
N LEU A 305 -5.60 -3.88 12.98
CA LEU A 305 -5.37 -4.16 11.55
C LEU A 305 -6.01 -5.48 11.13
N VAL A 306 -6.16 -6.43 12.07
CA VAL A 306 -6.79 -7.72 11.81
C VAL A 306 -8.32 -7.50 11.68
N ILE A 307 -8.90 -6.62 12.54
CA ILE A 307 -10.32 -6.26 12.52
C ILE A 307 -10.66 -5.55 11.20
N HIS A 308 -9.84 -4.55 10.82
CA HIS A 308 -10.06 -3.81 9.57
C HIS A 308 -9.77 -4.65 8.33
N GLY A 309 -8.58 -5.23 8.29
CA GLY A 309 -8.09 -6.05 7.18
C GLY A 309 -8.83 -7.34 6.92
N LEU A 310 -9.05 -8.17 7.95
CA LEU A 310 -9.68 -9.47 7.76
C LEU A 310 -11.18 -9.53 8.11
N ILE A 311 -11.79 -8.44 8.64
CA ILE A 311 -13.23 -8.47 8.96
C ILE A 311 -13.98 -7.30 8.29
N VAL A 312 -13.53 -6.04 8.49
CA VAL A 312 -14.16 -4.83 7.94
C VAL A 312 -14.14 -4.83 6.40
N LEU A 313 -12.93 -4.77 5.79
CA LEU A 313 -12.74 -4.75 4.33
C LEU A 313 -13.40 -5.95 3.59
N PRO A 314 -13.28 -7.24 4.04
CA PRO A 314 -13.94 -8.33 3.30
C PRO A 314 -15.47 -8.22 3.24
N LEU A 315 -16.14 -7.84 4.36
CA LEU A 315 -17.60 -7.70 4.37
C LEU A 315 -18.06 -6.52 3.48
N ILE A 316 -17.18 -5.50 3.30
CA ILE A 316 -17.42 -4.36 2.42
C ILE A 316 -17.43 -4.88 0.97
N TYR A 317 -16.44 -5.71 0.60
CA TYR A 317 -16.33 -6.33 -0.72
C TYR A 317 -17.52 -7.25 -1.01
N PHE A 318 -17.93 -8.05 0.00
CA PHE A 318 -19.07 -8.98 -0.08
C PHE A 318 -20.38 -8.20 -0.25
N LEU A 319 -20.57 -7.11 0.51
CA LEU A 319 -21.77 -6.27 0.45
C LEU A 319 -21.96 -5.59 -0.91
N ILE A 320 -20.85 -5.29 -1.61
CA ILE A 320 -20.84 -4.62 -2.92
C ILE A 320 -20.90 -5.62 -4.09
N THR A 321 -20.00 -6.62 -4.12
CA THR A 321 -19.89 -7.59 -5.21
C THR A 321 -20.75 -8.85 -5.04
N ARG A 322 -20.94 -9.30 -3.78
CA ARG A 322 -21.66 -10.53 -3.39
C ARG A 322 -20.80 -11.79 -3.70
N LYS A 323 -19.49 -11.55 -3.95
CA LYS A 323 -18.48 -12.56 -4.25
C LYS A 323 -17.67 -12.83 -2.98
N ASN A 324 -17.17 -14.07 -2.82
CA ASN A 324 -16.39 -14.46 -1.64
C ASN A 324 -15.07 -13.70 -1.58
N PRO A 325 -14.90 -12.82 -0.56
CA PRO A 325 -13.70 -11.97 -0.50
C PRO A 325 -12.41 -12.65 -0.09
N PHE A 326 -12.49 -13.78 0.61
CA PHE A 326 -11.29 -14.48 1.08
C PHE A 326 -10.61 -15.31 -0.04
N VAL A 327 -11.30 -15.48 -1.19
CA VAL A 327 -10.78 -16.16 -2.38
C VAL A 327 -10.03 -15.10 -3.21
N PHE A 328 -10.49 -13.83 -3.10
CA PHE A 328 -9.90 -12.67 -3.75
C PHE A 328 -8.55 -12.39 -3.07
N ILE A 329 -8.53 -12.41 -1.72
CA ILE A 329 -7.33 -12.21 -0.88
C ILE A 329 -6.28 -13.31 -1.18
N ALA A 330 -6.74 -14.52 -1.57
CA ALA A 330 -5.86 -15.63 -1.94
C ALA A 330 -5.08 -15.34 -3.24
N GLY A 331 -5.72 -14.63 -4.17
CA GLY A 331 -5.12 -14.23 -5.44
C GLY A 331 -4.04 -13.19 -5.29
N ILE A 332 -4.26 -12.21 -4.39
CA ILE A 332 -3.31 -11.11 -4.11
C ILE A 332 -2.39 -11.44 -2.93
N LEU A 333 -2.24 -12.75 -2.61
CA LEU A 333 -1.43 -13.23 -1.49
C LEU A 333 0.05 -12.93 -1.64
N GLN A 334 0.60 -13.10 -2.87
CA GLN A 334 2.01 -12.82 -3.19
C GLN A 334 2.31 -11.32 -3.00
N ALA A 335 1.32 -10.46 -3.31
CA ALA A 335 1.39 -9.00 -3.16
C ALA A 335 1.41 -8.60 -1.69
N LEU A 336 0.67 -9.32 -0.83
CA LEU A 336 0.62 -9.05 0.62
C LEU A 336 1.89 -9.53 1.30
N ILE A 337 2.38 -10.74 0.95
CA ILE A 337 3.60 -11.32 1.50
C ILE A 337 4.82 -10.46 1.10
N THR A 338 4.81 -9.87 -0.12
CA THR A 338 5.88 -8.96 -0.55
C THR A 338 5.76 -7.61 0.16
N ALA A 339 4.52 -7.19 0.54
CA ALA A 339 4.31 -5.94 1.28
C ALA A 339 4.84 -6.08 2.70
N LEU A 340 4.64 -7.28 3.29
CA LEU A 340 5.09 -7.69 4.61
C LEU A 340 6.62 -7.69 4.70
N GLY A 341 7.28 -7.92 3.57
CA GLY A 341 8.73 -7.98 3.47
C GLY A 341 9.41 -6.66 3.18
N THR A 342 8.89 -5.90 2.21
CA THR A 342 9.45 -4.61 1.77
C THR A 342 9.01 -3.43 2.63
N SER A 343 7.71 -3.40 3.03
CA SER A 343 7.05 -2.33 3.79
C SER A 343 6.91 -1.07 2.93
N SER A 344 6.64 -1.28 1.64
CA SER A 344 6.48 -0.22 0.65
C SER A 344 5.30 -0.56 -0.25
N SER A 345 4.28 0.34 -0.31
CA SER A 345 3.10 0.15 -1.17
C SER A 345 3.51 0.36 -2.63
N SER A 346 4.49 1.25 -2.87
CA SER A 346 5.02 1.55 -4.19
C SER A 346 5.87 0.41 -4.72
N ALA A 347 6.77 -0.17 -3.90
CA ALA A 347 7.63 -1.28 -4.34
C ALA A 347 6.85 -2.56 -4.68
N THR A 348 5.73 -2.82 -3.98
CA THR A 348 4.94 -4.03 -4.22
C THR A 348 3.87 -3.82 -5.29
N LEU A 349 3.70 -2.56 -5.77
CA LEU A 349 2.74 -2.21 -6.82
C LEU A 349 2.89 -3.07 -8.09
N PRO A 350 4.11 -3.33 -8.66
CA PRO A 350 4.19 -4.20 -9.85
C PRO A 350 3.67 -5.62 -9.60
N ILE A 351 3.83 -6.13 -8.35
CA ILE A 351 3.36 -7.46 -7.98
C ILE A 351 1.83 -7.42 -7.67
N THR A 352 1.29 -6.29 -7.17
CA THR A 352 -0.16 -6.14 -6.94
C THR A 352 -0.88 -6.14 -8.30
N PHE A 353 -0.20 -5.58 -9.33
CA PHE A 353 -0.67 -5.53 -10.70
C PHE A 353 -0.74 -6.95 -11.28
N LYS A 354 0.36 -7.73 -11.18
CA LYS A 354 0.42 -9.11 -11.68
C LYS A 354 -0.65 -10.01 -11.04
N CYS A 355 -0.88 -9.86 -9.73
CA CYS A 355 -1.87 -10.62 -8.98
C CYS A 355 -3.31 -10.28 -9.37
N LEU A 356 -3.68 -9.00 -9.42
CA LEU A 356 -5.04 -8.59 -9.76
C LEU A 356 -5.39 -8.85 -11.23
N GLU A 357 -4.49 -8.48 -12.17
CA GLU A 357 -4.70 -8.67 -13.61
C GLU A 357 -4.86 -10.14 -13.95
N GLU A 358 -4.05 -11.02 -13.32
CA GLU A 358 -4.07 -12.46 -13.57
C GLU A 358 -4.94 -13.24 -12.59
N ASN A 359 -4.36 -13.57 -11.41
CA ASN A 359 -4.94 -14.38 -10.32
C ASN A 359 -6.40 -14.03 -9.97
N ASN A 360 -6.75 -12.73 -9.91
CA ASN A 360 -8.11 -12.28 -9.61
C ASN A 360 -8.91 -11.93 -10.87
N GLY A 361 -8.22 -11.82 -12.00
CA GLY A 361 -8.81 -11.51 -13.31
C GLY A 361 -9.53 -10.19 -13.38
N VAL A 362 -8.94 -9.15 -12.79
CA VAL A 362 -9.48 -7.79 -12.76
C VAL A 362 -9.15 -7.11 -14.12
N ASP A 363 -9.94 -6.10 -14.54
CA ASP A 363 -9.71 -5.44 -15.82
C ASP A 363 -8.50 -4.54 -15.75
N LYS A 364 -7.64 -4.60 -16.80
CA LYS A 364 -6.45 -3.77 -16.91
C LYS A 364 -6.85 -2.30 -16.93
N ARG A 365 -7.97 -1.98 -17.62
CA ARG A 365 -8.52 -0.62 -17.71
C ARG A 365 -8.76 0.02 -16.35
N ILE A 366 -9.18 -0.79 -15.35
CA ILE A 366 -9.43 -0.25 -14.01
C ILE A 366 -8.23 -0.45 -13.03
N THR A 367 -7.37 -1.49 -13.19
CA THR A 367 -6.19 -1.66 -12.31
C THR A 367 -5.19 -0.52 -12.55
N ARG A 368 -5.10 -0.07 -13.82
CA ARG A 368 -4.28 1.05 -14.27
C ARG A 368 -4.84 2.37 -13.73
N PHE A 369 -6.14 2.40 -13.42
CA PHE A 369 -6.86 3.56 -12.88
C PHE A 369 -6.81 3.62 -11.34
N VAL A 370 -7.08 2.49 -10.66
CA VAL A 370 -7.15 2.37 -9.20
C VAL A 370 -5.77 2.24 -8.52
N LEU A 371 -5.04 1.13 -8.77
CA LEU A 371 -3.77 0.75 -8.14
C LEU A 371 -2.67 1.85 -8.06
N PRO A 372 -2.26 2.62 -9.12
CA PRO A 372 -1.19 3.62 -8.92
C PRO A 372 -1.60 4.77 -8.00
N VAL A 373 -2.91 5.09 -7.96
CA VAL A 373 -3.49 6.15 -7.12
C VAL A 373 -3.64 5.62 -5.69
N GLY A 374 -4.19 4.41 -5.56
CA GLY A 374 -4.39 3.75 -4.27
C GLY A 374 -3.10 3.56 -3.47
N ALA A 375 -1.99 3.29 -4.19
CA ALA A 375 -0.66 3.05 -3.63
C ALA A 375 -0.08 4.24 -2.85
N THR A 376 -0.54 5.47 -3.16
CA THR A 376 -0.05 6.70 -2.53
C THR A 376 -1.08 7.39 -1.60
N ILE A 377 -2.39 7.39 -1.95
CA ILE A 377 -3.40 8.09 -1.16
C ILE A 377 -4.26 7.14 -0.29
N ASN A 378 -4.59 5.92 -0.78
CA ASN A 378 -5.40 4.94 -0.05
C ASN A 378 -4.55 4.16 0.95
N MET A 379 -4.36 4.75 2.14
CA MET A 379 -3.57 4.17 3.22
C MET A 379 -4.45 3.92 4.44
N ASP A 380 -5.23 2.82 4.39
CA ASP A 380 -6.15 2.41 5.47
C ASP A 380 -5.42 2.03 6.77
N GLY A 381 -4.38 1.20 6.65
CA GLY A 381 -3.56 0.72 7.77
C GLY A 381 -2.72 1.78 8.44
N THR A 382 -2.23 2.76 7.65
CA THR A 382 -1.44 3.89 8.15
C THR A 382 -2.35 4.78 8.99
N ALA A 383 -3.58 5.07 8.50
CA ALA A 383 -4.60 5.88 9.19
C ALA A 383 -4.96 5.32 10.56
N LEU A 384 -5.14 3.99 10.66
CA LEU A 384 -5.46 3.27 11.90
C LEU A 384 -4.29 3.41 12.88
N TYR A 385 -3.06 3.29 12.37
CA TYR A 385 -1.81 3.41 13.12
C TYR A 385 -1.56 4.86 13.59
N GLU A 386 -1.93 5.85 12.75
CA GLU A 386 -1.78 7.28 13.05
C GLU A 386 -2.65 7.67 14.23
N ALA A 387 -3.91 7.20 14.26
CA ALA A 387 -4.86 7.48 15.34
C ALA A 387 -4.40 6.80 16.64
N VAL A 388 -4.05 5.49 16.57
CA VAL A 388 -3.58 4.66 17.69
C VAL A 388 -2.36 5.29 18.38
N ALA A 389 -1.33 5.65 17.60
CA ALA A 389 -0.10 6.25 18.10
C ALA A 389 -0.25 7.70 18.59
N ALA A 390 -1.20 8.47 18.04
CA ALA A 390 -1.45 9.86 18.45
C ALA A 390 -2.07 9.87 19.85
N ILE A 391 -2.92 8.87 20.16
CA ILE A 391 -3.58 8.72 21.45
C ILE A 391 -2.65 7.98 22.44
N PHE A 392 -1.83 7.02 21.95
CA PHE A 392 -0.90 6.27 22.80
C PHE A 392 0.14 7.16 23.47
N ILE A 393 0.73 8.14 22.74
CA ILE A 393 1.74 9.05 23.29
C ILE A 393 1.09 9.99 24.34
N ALA A 394 -0.23 10.29 24.18
CA ALA A 394 -1.00 11.13 25.10
C ALA A 394 -1.26 10.43 26.44
N GLN A 395 -1.20 9.08 26.48
CA GLN A 395 -1.40 8.25 27.68
C GLN A 395 -0.29 8.54 28.69
N VAL A 396 0.96 8.54 28.19
CA VAL A 396 2.18 8.80 28.97
C VAL A 396 2.16 10.26 29.44
N ASN A 397 1.84 11.18 28.52
CA ASN A 397 1.76 12.63 28.78
C ASN A 397 0.57 13.03 29.66
N ASN A 398 -0.43 12.14 29.82
CA ASN A 398 -1.67 12.35 30.61
C ASN A 398 -2.46 13.57 30.09
N TYR A 399 -2.48 13.74 28.75
CA TYR A 399 -3.16 14.81 28.03
C TYR A 399 -4.68 14.64 28.09
N GLU A 400 -5.39 15.74 28.42
CA GLU A 400 -6.85 15.81 28.57
C GLU A 400 -7.59 15.40 27.28
N LEU A 401 -8.68 14.65 27.47
CA LEU A 401 -9.57 14.11 26.43
C LEU A 401 -10.67 15.14 26.08
N ASP A 402 -10.50 15.86 24.95
CA ASP A 402 -11.48 16.86 24.51
C ASP A 402 -12.33 16.29 23.38
N PHE A 403 -13.68 16.38 23.53
CA PHE A 403 -14.69 15.89 22.58
C PHE A 403 -14.51 16.46 21.16
N GLY A 404 -13.98 17.68 21.09
CA GLY A 404 -13.71 18.40 19.84
C GLY A 404 -12.31 18.23 19.32
N GLN A 405 -11.34 17.94 20.22
CA GLN A 405 -9.94 17.74 19.83
C GLN A 405 -9.66 16.31 19.35
N ILE A 406 -10.51 15.34 19.73
CA ILE A 406 -10.42 13.96 19.25
C ILE A 406 -10.93 13.97 17.79
N ILE A 407 -11.85 14.91 17.48
CA ILE A 407 -12.40 15.14 16.15
C ILE A 407 -11.29 15.67 15.23
N THR A 408 -10.34 16.48 15.79
CA THR A 408 -9.19 16.99 15.02
C THR A 408 -8.19 15.86 14.73
N ILE A 409 -8.08 14.85 15.63
CA ILE A 409 -7.20 13.68 15.47
C ILE A 409 -7.71 12.81 14.31
N SER A 410 -9.03 12.49 14.28
CA SER A 410 -9.66 11.71 13.21
C SER A 410 -9.51 12.42 11.85
N ILE A 411 -9.53 13.77 11.87
CA ILE A 411 -9.37 14.62 10.69
C ILE A 411 -7.91 14.64 10.21
N THR A 412 -6.93 14.87 11.13
CA THR A 412 -5.52 14.94 10.75
C THR A 412 -4.89 13.56 10.49
N ALA A 413 -5.44 12.47 11.09
CA ALA A 413 -4.93 11.12 10.84
C ALA A 413 -5.38 10.63 9.46
N THR A 414 -6.54 11.13 8.98
CA THR A 414 -7.06 10.86 7.64
C THR A 414 -6.24 11.72 6.66
N ALA A 415 -5.88 12.95 7.08
CA ALA A 415 -5.09 13.89 6.30
C ALA A 415 -3.67 13.34 6.07
N ALA A 416 -3.02 12.82 7.15
CA ALA A 416 -1.67 12.25 7.09
C ALA A 416 -1.64 10.95 6.32
N SER A 417 -2.73 10.15 6.36
CA SER A 417 -2.88 8.90 5.63
C SER A 417 -2.71 9.20 4.13
N ILE A 418 -3.49 10.17 3.60
CA ILE A 418 -3.47 10.62 2.19
C ILE A 418 -2.07 11.15 1.81
N GLY A 419 -1.50 11.97 2.69
CA GLY A 419 -0.20 12.61 2.54
C GLY A 419 0.98 11.66 2.43
N ALA A 420 1.21 10.84 3.48
CA ALA A 420 2.29 9.86 3.61
C ALA A 420 2.49 9.01 2.35
N ALA A 421 3.73 9.02 1.83
CA ALA A 421 4.13 8.29 0.63
C ALA A 421 4.17 6.79 0.89
N GLY A 422 3.96 6.01 -0.16
CA GLY A 422 3.98 4.55 -0.11
C GLY A 422 5.37 3.97 -0.02
N ILE A 423 6.16 4.45 0.94
CA ILE A 423 7.54 4.01 1.16
C ILE A 423 7.76 3.68 2.65
N PRO A 424 8.75 2.83 3.02
CA PRO A 424 8.96 2.52 4.45
C PRO A 424 9.26 3.72 5.33
N GLN A 425 8.81 3.62 6.60
CA GLN A 425 8.94 4.61 7.70
C GLN A 425 8.29 5.98 7.40
N ALA A 426 7.39 6.05 6.41
CA ALA A 426 6.68 7.28 6.06
C ALA A 426 5.54 7.62 7.03
N GLY A 427 5.08 6.60 7.77
CA GLY A 427 3.99 6.73 8.75
C GLY A 427 4.37 7.59 9.93
N LEU A 428 5.53 7.32 10.51
CA LEU A 428 6.15 7.98 11.66
C LEU A 428 6.56 9.44 11.33
N VAL A 429 6.99 9.70 10.08
CA VAL A 429 7.42 11.03 9.63
C VAL A 429 6.21 11.98 9.50
N THR A 430 5.03 11.43 9.15
CA THR A 430 3.78 12.20 9.00
C THR A 430 3.02 12.35 10.34
N MET A 431 3.54 11.73 11.42
CA MET A 431 2.97 11.84 12.78
C MET A 431 3.15 13.27 13.29
N VAL A 432 4.13 14.02 12.71
CA VAL A 432 4.46 15.42 13.00
C VAL A 432 3.19 16.28 12.80
N ILE A 433 2.42 16.00 11.73
CA ILE A 433 1.16 16.68 11.41
C ILE A 433 0.08 16.42 12.48
N VAL A 434 -0.18 15.13 12.82
CA VAL A 434 -1.21 14.72 13.77
C VAL A 434 -0.85 15.11 15.24
N LEU A 435 0.45 15.13 15.62
CA LEU A 435 0.87 15.51 16.98
C LEU A 435 0.76 17.01 17.23
N THR A 436 1.05 17.81 16.20
CA THR A 436 0.99 19.27 16.27
C THR A 436 -0.43 19.79 16.40
N ALA A 437 -1.35 19.28 15.56
CA ALA A 437 -2.77 19.66 15.50
C ALA A 437 -3.50 19.61 16.85
N VAL A 438 -3.31 18.51 17.63
CA VAL A 438 -3.94 18.35 18.94
C VAL A 438 -3.29 19.23 20.00
N GLY A 439 -1.95 19.26 20.01
CA GLY A 439 -1.16 20.04 20.95
C GLY A 439 -0.21 19.18 21.77
N LEU A 440 0.21 18.03 21.19
CA LEU A 440 1.14 17.09 21.80
C LEU A 440 2.57 17.34 21.30
N PRO A 441 3.64 16.97 22.05
CA PRO A 441 5.00 17.26 21.55
C PRO A 441 5.48 16.26 20.51
N THR A 442 5.98 16.78 19.36
CA THR A 442 6.47 15.99 18.24
C THR A 442 7.72 15.16 18.57
N ASP A 443 8.49 15.57 19.60
CA ASP A 443 9.68 14.86 20.04
C ASP A 443 9.39 13.49 20.69
N ASP A 444 8.09 13.20 20.95
CA ASP A 444 7.64 11.92 21.51
C ASP A 444 7.68 10.77 20.49
N ILE A 445 7.80 11.09 19.17
CA ILE A 445 7.90 10.12 18.05
C ILE A 445 9.08 9.14 18.29
N THR A 446 10.15 9.62 18.95
CA THR A 446 11.37 8.86 19.31
C THR A 446 11.10 7.58 20.11
N LEU A 447 10.06 7.62 20.96
CA LEU A 447 9.62 6.50 21.80
C LEU A 447 9.08 5.32 20.99
N ILE A 448 8.33 5.61 19.89
CA ILE A 448 7.65 4.71 18.94
C ILE A 448 8.56 4.18 17.81
N ILE A 449 9.81 4.71 17.66
CA ILE A 449 10.70 4.38 16.55
C ILE A 449 11.17 2.90 16.55
N ALA A 450 11.55 2.39 17.74
CA ALA A 450 12.08 1.04 17.95
C ALA A 450 11.19 -0.11 17.45
N VAL A 451 9.89 -0.04 17.77
CA VAL A 451 8.92 -1.09 17.43
C VAL A 451 8.28 -0.90 16.03
N ASP A 452 8.27 0.34 15.52
CA ASP A 452 7.68 0.79 14.25
C ASP A 452 7.82 -0.17 13.07
N TRP A 453 9.07 -0.63 12.78
CA TRP A 453 9.40 -1.49 11.63
C TRP A 453 8.43 -2.66 11.43
N LEU A 454 8.04 -3.36 12.52
CA LEU A 454 7.15 -4.53 12.52
C LEU A 454 5.71 -4.12 12.23
N LEU A 455 5.28 -2.98 12.81
CA LEU A 455 3.94 -2.42 12.61
C LEU A 455 3.79 -1.87 11.19
N ASP A 456 4.90 -1.36 10.63
CA ASP A 456 4.99 -0.85 9.26
C ASP A 456 4.75 -1.99 8.27
N ARG A 457 5.37 -3.18 8.51
CA ARG A 457 5.20 -4.39 7.68
C ARG A 457 3.75 -4.81 7.60
N PHE A 458 3.00 -4.65 8.71
CA PHE A 458 1.59 -5.01 8.75
C PHE A 458 0.71 -3.91 8.14
N ARG A 459 0.95 -2.64 8.51
CA ARG A 459 0.28 -1.43 7.99
C ARG A 459 0.28 -1.40 6.48
N THR A 460 1.42 -1.83 5.86
CA THR A 460 1.61 -1.83 4.41
C THR A 460 0.66 -2.83 3.77
N MET A 461 0.53 -4.04 4.38
CA MET A 461 -0.36 -5.11 3.90
C MET A 461 -1.82 -4.65 3.83
N VAL A 462 -2.27 -3.84 4.81
CA VAL A 462 -3.63 -3.28 4.88
C VAL A 462 -3.81 -2.13 3.85
N ASN A 463 -2.73 -1.35 3.59
CA ASN A 463 -2.70 -0.26 2.61
C ASN A 463 -2.81 -0.80 1.18
N VAL A 464 -2.20 -1.98 0.92
CA VAL A 464 -2.18 -2.70 -0.36
C VAL A 464 -3.52 -3.42 -0.55
N LEU A 465 -3.96 -4.20 0.46
CA LEU A 465 -5.21 -4.94 0.51
C LEU A 465 -6.43 -4.06 0.17
N GLY A 466 -6.36 -2.78 0.57
CA GLY A 466 -7.37 -1.77 0.31
C GLY A 466 -7.47 -1.41 -1.15
N ASP A 467 -6.31 -1.31 -1.84
CA ASP A 467 -6.23 -1.00 -3.28
C ASP A 467 -6.70 -2.20 -4.10
N ALA A 468 -6.35 -3.42 -3.63
CA ALA A 468 -6.70 -4.69 -4.27
C ALA A 468 -8.22 -4.87 -4.22
N LEU A 469 -8.83 -4.79 -3.03
CA LEU A 469 -10.28 -4.92 -2.87
C LEU A 469 -11.01 -3.75 -3.52
N GLY A 470 -10.39 -2.57 -3.48
CA GLY A 470 -10.88 -1.33 -4.10
C GLY A 470 -11.03 -1.45 -5.60
N ALA A 471 -10.07 -2.15 -6.26
CA ALA A 471 -10.09 -2.42 -7.69
C ALA A 471 -11.26 -3.35 -8.00
N GLY A 472 -11.38 -4.43 -7.24
CA GLY A 472 -12.47 -5.39 -7.34
C GLY A 472 -13.85 -4.78 -7.14
N ILE A 473 -13.95 -3.80 -6.21
CA ILE A 473 -15.19 -3.08 -5.90
C ILE A 473 -15.57 -2.12 -7.06
N VAL A 474 -14.61 -1.32 -7.54
CA VAL A 474 -14.81 -0.34 -8.63
C VAL A 474 -15.14 -1.05 -9.96
N GLU A 475 -14.38 -2.12 -10.31
CA GLU A 475 -14.58 -2.93 -11.53
C GLU A 475 -16.03 -3.41 -11.63
N HIS A 476 -16.54 -3.97 -10.52
CA HIS A 476 -17.88 -4.49 -10.39
C HIS A 476 -18.94 -3.39 -10.55
N LEU A 477 -18.72 -2.22 -9.93
CA LEU A 477 -19.61 -1.05 -9.98
C LEU A 477 -19.58 -0.34 -11.34
N SER A 478 -18.48 -0.50 -12.12
CA SER A 478 -18.30 0.18 -13.40
C SER A 478 -18.42 -0.73 -14.64
N ARG A 479 -19.11 -1.89 -14.52
CA ARG A 479 -19.29 -2.87 -15.61
C ARG A 479 -20.02 -2.31 -16.85
N LYS A 480 -20.87 -1.26 -16.69
CA LYS A 480 -21.58 -0.63 -17.81
C LYS A 480 -20.61 0.15 -18.71
N GLU A 481 -19.73 0.97 -18.10
CA GLU A 481 -18.73 1.76 -18.81
C GLU A 481 -17.70 0.88 -19.52
N LEU A 482 -17.37 -0.26 -18.91
CA LEU A 482 -16.43 -1.24 -19.42
C LEU A 482 -17.03 -2.02 -20.59
N GLU A 483 -18.36 -2.28 -20.56
CA GLU A 483 -19.07 -2.98 -21.63
C GLU A 483 -19.27 -2.09 -22.86
N LYS A 484 -19.31 -0.77 -22.68
CA LYS A 484 -19.45 0.21 -23.77
C LYS A 484 -18.14 0.31 -24.56
N GLN A 485 -16.99 0.31 -23.85
CA GLN A 485 -15.65 0.37 -24.43
C GLN A 485 -15.24 -0.95 -25.12
N ASP A 486 -15.98 -2.05 -24.86
CA ASP A 486 -15.74 -3.37 -25.44
C ASP A 486 -16.51 -3.55 -26.77
N ALA A 487 -17.28 -2.52 -27.19
CA ALA A 487 -18.04 -2.54 -28.44
C ALA A 487 -17.11 -2.80 -29.65
N GLU A 488 -15.97 -2.07 -29.73
CA GLU A 488 -14.89 -2.17 -30.72
C GLU A 488 -13.83 -1.09 -30.51
NA NA B . -1.36 2.18 -0.74
NA NA C . -9.30 4.28 2.11
NA NA D . -0.64 8.00 1.67
N ASP E . 5.34 2.02 4.54
CA ASP E . 3.90 2.15 4.34
C ASP E . 3.48 1.74 2.93
O ASP E . 2.35 1.25 2.78
CB ASP E . 3.44 3.59 4.63
CG ASP E . 3.80 4.04 6.02
OD1 ASP E . 2.87 4.24 6.84
OD2 ASP E . 5.01 4.22 6.30
OXT ASP E . 4.27 1.94 1.98
N1 6Z6 F . -8.16 6.17 -8.33
C2 6Z6 F . -7.22 10.98 -6.17
O2 6Z6 F . -8.20 9.19 -12.02
C4 6Z6 F . -8.03 10.23 -8.37
C5 6Z6 F . -6.82 10.69 -8.93
C6 6Z6 F . -5.80 11.26 -8.16
O1 6Z6 F . -11.21 11.48 -9.10
C9 6Z6 F . -10.57 11.42 -10.14
C8 6Z6 F . -9.50 10.41 -10.36
C13 6Z6 F . -9.02 10.23 -11.61
C14 6Z6 F . -7.87 8.25 -11.08
N 6Z6 F . -7.18 7.25 -11.72
C15 6Z6 F . -8.35 8.27 -9.79
C16 6Z6 F . -8.25 7.12 -8.98
C7 6Z6 F . -9.06 9.50 -9.22
C3 6Z6 F . -8.23 10.40 -6.98
C1 6Z6 F . -5.99 11.40 -6.77
O 6Z6 F . -4.98 11.80 -5.89
C 6Z6 F . -4.38 13.07 -6.08
C10 6Z6 F . -10.91 12.36 -11.33
C11 6Z6 F . -10.66 11.76 -12.72
C12 6Z6 F . -9.29 11.06 -12.81
C17 6Z6 F . -10.81 12.74 -13.91
C18 6Z6 F . -11.98 12.66 -14.66
C19 6Z6 F . -12.20 13.45 -15.84
C20 6Z6 F . -11.25 14.32 -16.28
C21 6Z6 F . -10.01 14.46 -15.59
C26 6Z6 F . -9.76 13.71 -14.38
C22 6Z6 F . -9.00 15.32 -16.16
C23 6Z6 F . -7.78 15.44 -15.55
C24 6Z6 F . -7.51 14.73 -14.33
C25 6Z6 F . -8.46 13.90 -13.77
BA BA G . -10.59 5.14 -28.60
#